data_3BM3
#
_entry.id   3BM3
#
_cell.length_a   46.884
_cell.length_b   96.060
_cell.length_c   127.069
_cell.angle_alpha   90.00
_cell.angle_beta   90.00
_cell.angle_gamma   90.00
#
_symmetry.space_group_name_H-M   'P 21 21 21'
#
loop_
_entity.id
_entity.type
_entity.pdbx_description
1 polymer "DNA (5'-D(*CP*AP*TP*CP*CP*AP*GP*GP*TP*AP*C)-3')"
2 polymer "DNA (5'-D(*GP*GP*TP*AP*CP*CP*TP*GP*GP*AP*T)-3')"
3 polymer 'PspGI restriction endonuclease'
4 non-polymer 'CITRIC ACID'
5 water water
#
loop_
_entity_poly.entity_id
_entity_poly.type
_entity_poly.pdbx_seq_one_letter_code
_entity_poly.pdbx_strand_id
1 'polydeoxyribonucleotide' (DC)(DA)(DT)(DC)(DC)(DA)(DG)(DG)(DT)(DA)(DC) C
2 'polydeoxyribonucleotide' (DG)(DG)(DT)(DA)(DC)(DC)(DT)(DG)(DG)(DA)(DT) D
3 'polypeptide(L)'
;(MSE)VRNLVIDITKKPTQNIPPTNEIIEEAITELNVDELLDRLFEKDESGEVITPSRIAK(MSE)LEEKAFEIYKEYEK
QVREAYLSAGYSREKLEQSFQQARFSRGGKAFEIIFTKLLNKFGIRYEHDRVIKIYDYITEGEKPAFIIPSVRTFLNDPS
SAILITVKRKVRERWREAVGEAQILRNKFGDEINFWFVGFDEEFTIYSAIA(MSE)LDNGIDRVYVIDGRYDSLIEEIKR
ISDPNFNEDKYIQKIRRFSDIFDDIIQFLNKHGNKKRGKQLTLV
;
A,B
#
# COMPACT_ATOMS: atom_id res chain seq x y z
N VAL C 2 31.97 4.76 -8.33
CA VAL C 2 31.72 3.72 -7.28
C VAL C 2 32.80 2.65 -7.33
N ARG C 3 32.98 1.91 -6.23
CA ARG C 3 33.98 0.82 -6.25
C ARG C 3 33.58 -0.34 -7.14
N ASN C 4 34.57 -1.10 -7.59
CA ASN C 4 34.32 -2.34 -8.29
C ASN C 4 33.98 -3.42 -7.29
N LEU C 5 32.74 -3.88 -7.33
CA LEU C 5 32.29 -4.90 -6.39
C LEU C 5 32.90 -6.24 -6.68
N VAL C 6 33.14 -7.00 -5.63
CA VAL C 6 33.41 -8.41 -5.74
C VAL C 6 32.06 -9.06 -5.63
N ILE C 7 31.69 -9.72 -6.70
CA ILE C 7 30.34 -10.22 -6.82
C ILE C 7 30.39 -11.72 -6.70
N ASP C 8 29.68 -12.23 -5.71
CA ASP C 8 29.58 -13.66 -5.50
C ASP C 8 28.26 -14.11 -6.07
N ILE C 9 28.31 -14.75 -7.24
CA ILE C 9 27.08 -15.14 -7.93
C ILE C 9 26.34 -16.29 -7.29
N THR C 10 26.89 -16.89 -6.23
CA THR C 10 26.18 -17.92 -5.48
C THR C 10 25.23 -17.31 -4.44
N LYS C 11 25.27 -15.99 -4.28
CA LYS C 11 24.31 -15.27 -3.42
C LYS C 11 23.12 -14.78 -4.23
N LYS C 12 22.07 -14.34 -3.54
CA LYS C 12 20.98 -13.63 -4.22
C LYS C 12 21.66 -12.39 -4.82
N PRO C 13 21.25 -12.00 -6.03
CA PRO C 13 21.97 -10.91 -6.69
C PRO C 13 22.07 -9.64 -5.85
N THR C 14 20.99 -9.26 -5.20
CA THR C 14 20.97 -8.02 -4.49
C THR C 14 21.81 -8.06 -3.23
N GLN C 15 22.16 -9.26 -2.78
CA GLN C 15 23.04 -9.40 -1.60
C GLN C 15 24.47 -8.98 -1.90
N ASN C 16 24.77 -8.80 -3.19
CA ASN C 16 26.02 -8.24 -3.66
C ASN C 16 26.06 -6.72 -3.76
N ILE C 17 24.91 -6.09 -3.56
CA ILE C 17 24.82 -4.66 -3.62
C ILE C 17 24.97 -4.10 -2.21
N PRO C 18 25.93 -3.20 -2.01
CA PRO C 18 26.13 -2.64 -0.68
C PRO C 18 24.84 -2.09 -0.08
N PRO C 19 24.70 -2.20 1.24
CA PRO C 19 23.44 -1.76 1.84
C PRO C 19 23.21 -0.26 1.70
N THR C 20 21.95 0.12 1.78
CA THR C 20 21.55 1.50 1.57
C THR C 20 22.32 2.45 2.49
N ASN C 21 22.51 2.08 3.74
CA ASN C 21 23.25 2.96 4.67
C ASN C 21 24.63 3.28 4.12
N GLU C 22 25.31 2.27 3.59
CA GLU C 22 26.64 2.48 3.02
C GLU C 22 26.61 3.37 1.79
N ILE C 23 25.60 3.16 0.95
CA ILE C 23 25.44 3.94 -0.25
C ILE C 23 25.13 5.39 0.11
N ILE C 24 24.28 5.59 1.11
CA ILE C 24 23.94 6.94 1.55
C ILE C 24 25.21 7.63 2.08
N GLU C 25 26.01 6.89 2.85
CA GLU C 25 27.28 7.47 3.35
C GLU C 25 28.20 7.83 2.19
N GLU C 26 28.26 6.97 1.18
CA GLU C 26 29.06 7.24 0.00
C GLU C 26 28.58 8.52 -0.69
N ALA C 27 27.27 8.64 -0.82
CA ALA C 27 26.63 9.80 -1.43
C ALA C 27 26.92 11.05 -0.61
N ILE C 28 26.79 10.94 0.71
CA ILE C 28 27.07 12.06 1.61
C ILE C 28 28.49 12.59 1.37
N THR C 29 29.44 11.67 1.26
CA THR C 29 30.84 12.02 1.03
C THR C 29 30.98 12.72 -0.33
N GLU C 30 30.46 12.05 -1.35
CA GLU C 30 30.53 12.55 -2.71
C GLU C 30 29.95 13.94 -2.90
N LEU C 31 28.80 14.20 -2.27
CA LEU C 31 28.12 15.49 -2.37
C LEU C 31 28.59 16.52 -1.34
N ASN C 32 29.52 16.12 -0.47
CA ASN C 32 29.85 16.90 0.71
C ASN C 32 28.59 17.45 1.39
N VAL C 33 27.69 16.54 1.68
CA VAL C 33 26.45 16.88 2.38
C VAL C 33 26.69 17.48 3.75
N ASP C 34 27.76 17.08 4.42
CA ASP C 34 28.02 17.62 5.74
C ASP C 34 28.30 19.11 5.63
N GLU C 35 28.90 19.55 4.53
CA GLU C 35 29.11 20.98 4.31
C GLU C 35 27.81 21.68 3.90
N LEU C 36 26.97 21.01 3.12
CA LEU C 36 25.63 21.54 2.82
C LEU C 36 24.80 21.71 4.10
N LEU C 37 24.80 20.71 4.96
CA LEU C 37 24.05 20.79 6.22
C LEU C 37 24.55 21.95 7.09
N ASP C 38 25.86 22.20 7.07
CA ASP C 38 26.44 23.36 7.76
C ASP C 38 25.88 24.69 7.27
N ARG C 39 25.36 24.69 6.04
N ARG C 39 25.38 24.69 6.03
CA ARG C 39 24.87 25.87 5.37
CA ARG C 39 24.87 25.89 5.38
C ARG C 39 23.33 25.87 5.26
C ARG C 39 23.33 25.87 5.26
N LEU C 40 22.68 25.06 6.09
CA LEU C 40 21.22 24.90 6.04
C LEU C 40 20.52 26.26 6.20
N PHE C 41 19.57 26.52 5.29
CA PHE C 41 18.72 27.72 5.26
C PHE C 41 19.46 28.97 4.82
N GLU C 42 20.68 28.78 4.33
CA GLU C 42 21.49 29.83 3.76
C GLU C 42 21.48 29.63 2.25
N LYS C 43 21.79 30.68 1.49
CA LYS C 43 21.88 30.56 0.04
C LYS C 43 23.14 29.79 -0.36
N ASP C 44 23.04 28.97 -1.40
CA ASP C 44 24.21 28.33 -2.00
C ASP C 44 24.82 29.24 -3.07
N GLU C 45 25.92 28.79 -3.69
CA GLU C 45 26.58 29.57 -4.75
C GLU C 45 25.61 29.91 -5.90
N SER C 46 24.82 28.93 -6.35
CA SER C 46 23.86 29.12 -7.44
C SER C 46 22.74 30.14 -7.12
N GLY C 47 22.54 30.43 -5.83
CA GLY C 47 21.51 31.40 -5.42
C GLY C 47 20.33 30.79 -4.68
N GLU C 48 20.14 29.47 -4.78
CA GLU C 48 18.99 28.80 -4.14
C GLU C 48 19.31 28.53 -2.68
N VAL C 49 18.33 28.76 -1.81
CA VAL C 49 18.43 28.43 -0.40
C VAL C 49 18.63 26.94 -0.23
N ILE C 50 19.57 26.57 0.64
CA ILE C 50 19.82 25.19 1.01
C ILE C 50 18.77 24.77 2.01
N THR C 51 17.82 23.98 1.54
CA THR C 51 16.75 23.53 2.41
C THR C 51 16.88 22.05 2.68
N PRO C 52 16.27 21.57 3.78
CA PRO C 52 16.22 20.14 4.01
C PRO C 52 15.68 19.37 2.81
N SER C 53 14.62 19.87 2.17
CA SER C 53 14.01 19.12 1.08
C SER C 53 15.02 19.04 -0.08
N ARG C 54 15.71 20.13 -0.38
CA ARG C 54 16.69 20.08 -1.46
C ARG C 54 17.85 19.15 -1.15
N ILE C 55 18.34 19.14 0.09
CA ILE C 55 19.41 18.25 0.45
C ILE C 55 18.92 16.84 0.38
N ALA C 56 17.71 16.62 0.88
CA ALA C 56 17.13 15.26 0.86
C ALA C 56 16.98 14.74 -0.56
N LYS C 57 16.49 15.60 -1.44
CA LYS C 57 16.26 15.20 -2.82
C LYS C 57 17.59 14.94 -3.52
N LEU C 59 20.50 14.17 -2.13
CA LEU C 59 21.12 13.02 -1.52
C LEU C 59 20.44 11.73 -1.99
N GLU C 60 19.12 11.78 -2.04
N GLU C 60 19.10 11.75 -2.03
CA GLU C 60 18.36 10.68 -2.52
CA GLU C 60 18.34 10.58 -2.53
C GLU C 60 18.77 10.31 -3.96
C GLU C 60 18.72 10.29 -3.98
N GLU C 61 18.86 11.33 -4.80
CA GLU C 61 19.17 11.13 -6.22
C GLU C 61 20.58 10.55 -6.38
N LYS C 62 21.55 11.09 -5.63
CA LYS C 62 22.92 10.63 -5.71
C LYS C 62 23.05 9.19 -5.23
N ALA C 63 22.39 8.88 -4.13
CA ALA C 63 22.40 7.50 -3.58
C ALA C 63 21.80 6.58 -4.61
N PHE C 64 20.74 7.02 -5.27
CA PHE C 64 20.09 6.18 -6.33
C PHE C 64 21.06 5.95 -7.49
N GLU C 65 21.74 6.99 -7.91
CA GLU C 65 22.73 6.84 -8.96
C GLU C 65 23.84 5.84 -8.57
N ILE C 66 24.32 5.91 -7.35
CA ILE C 66 25.32 4.96 -6.88
C ILE C 66 24.75 3.56 -6.87
N TYR C 67 23.57 3.43 -6.29
CA TYR C 67 22.87 2.15 -6.29
C TYR C 67 22.84 1.60 -7.73
N LYS C 68 22.43 2.43 -8.68
CA LYS C 68 22.27 1.90 -10.05
C LYS C 68 23.57 1.44 -10.65
N GLU C 69 24.66 2.12 -10.31
CA GLU C 69 25.97 1.69 -10.76
C GLU C 69 26.31 0.33 -10.20
N TYR C 70 26.01 0.13 -8.93
CA TYR C 70 26.21 -1.18 -8.32
C TYR C 70 25.29 -2.22 -8.92
N GLU C 71 24.04 -1.84 -9.14
CA GLU C 71 23.05 -2.75 -9.73
C GLU C 71 23.56 -3.22 -11.10
N LYS C 72 24.15 -2.29 -11.87
CA LYS C 72 24.66 -2.60 -13.20
C LYS C 72 25.80 -3.59 -13.11
N GLN C 73 26.69 -3.38 -12.16
CA GLN C 73 27.77 -4.34 -11.95
C GLN C 73 27.24 -5.73 -11.66
N VAL C 74 26.27 -5.79 -10.76
CA VAL C 74 25.68 -7.04 -10.35
C VAL C 74 24.92 -7.68 -11.51
N ARG C 75 24.19 -6.87 -12.26
CA ARG C 75 23.48 -7.34 -13.44
C ARG C 75 24.44 -8.01 -14.40
N GLU C 76 25.51 -7.30 -14.73
CA GLU C 76 26.48 -7.86 -15.68
C GLU C 76 27.04 -9.20 -15.21
N ALA C 77 27.33 -9.31 -13.92
CA ALA C 77 27.90 -10.53 -13.37
C ALA C 77 26.92 -11.67 -13.48
N TYR C 78 25.65 -11.40 -13.13
CA TYR C 78 24.62 -12.45 -13.16
C TYR C 78 24.25 -12.83 -14.60
N LEU C 79 24.27 -11.87 -15.51
CA LEU C 79 23.98 -12.20 -16.91
C LEU C 79 25.11 -13.08 -17.45
N SER C 80 26.34 -12.76 -17.08
CA SER C 80 27.49 -13.61 -17.50
C SER C 80 27.36 -15.03 -17.00
N ALA C 81 26.78 -15.18 -15.82
CA ALA C 81 26.47 -16.47 -15.19
C ALA C 81 25.22 -17.16 -15.73
N GLY C 82 24.48 -16.54 -16.64
CA GLY C 82 23.28 -17.17 -17.20
C GLY C 82 22.06 -17.15 -16.30
N TYR C 83 22.06 -16.26 -15.29
CA TYR C 83 20.96 -16.15 -14.36
C TYR C 83 19.67 -15.65 -15.03
N SER C 84 18.53 -16.14 -14.55
CA SER C 84 17.21 -15.75 -15.10
C SER C 84 17.08 -14.24 -15.12
N ARG C 85 16.96 -13.67 -16.31
CA ARG C 85 16.84 -12.22 -16.41
C ARG C 85 15.58 -11.68 -15.76
N GLU C 86 14.48 -12.39 -15.97
CA GLU C 86 13.22 -12.00 -15.38
C GLU C 86 13.34 -11.98 -13.86
N LYS C 87 13.96 -13.02 -13.30
CA LYS C 87 14.09 -13.07 -11.85
C LYS C 87 15.06 -12.02 -11.34
N LEU C 88 16.12 -11.80 -12.09
CA LEU C 88 17.11 -10.79 -11.74
C LEU C 88 16.46 -9.41 -11.68
N GLU C 89 15.76 -9.07 -12.74
CA GLU C 89 15.14 -7.75 -12.83
C GLU C 89 14.02 -7.60 -11.81
N GLN C 90 13.34 -8.70 -11.48
CA GLN C 90 12.29 -8.60 -10.48
C GLN C 90 12.95 -8.30 -9.16
N SER C 91 14.02 -9.04 -8.87
CA SER C 91 14.79 -8.86 -7.63
C SER C 91 15.31 -7.45 -7.49
N PHE C 92 15.80 -6.88 -8.58
CA PHE C 92 16.27 -5.52 -8.54
C PHE C 92 15.13 -4.54 -8.29
N GLN C 93 13.97 -4.73 -8.95
CA GLN C 93 12.83 -3.85 -8.73
C GLN C 93 12.43 -3.90 -7.27
N GLN C 94 12.37 -5.11 -6.72
CA GLN C 94 11.99 -5.29 -5.32
C GLN C 94 13.01 -4.62 -4.39
N ALA C 95 14.29 -4.75 -4.73
CA ALA C 95 15.36 -4.01 -4.02
C ALA C 95 15.16 -2.54 -4.11
N ARG C 96 14.79 -2.02 -5.29
CA ARG C 96 14.61 -0.60 -5.49
C ARG C 96 13.45 -0.09 -4.66
N PHE C 97 12.36 -0.83 -4.54
CA PHE C 97 11.23 -0.40 -3.72
C PHE C 97 11.71 -0.30 -2.28
N SER C 98 12.25 -1.40 -1.77
N SER C 98 12.26 -1.40 -1.78
CA SER C 98 12.64 -1.44 -0.36
CA SER C 98 12.66 -1.49 -0.37
C SER C 98 13.72 -0.39 -0.08
C SER C 98 13.77 -0.48 -0.03
N ARG C 99 14.75 -0.37 -0.91
CA ARG C 99 15.86 0.57 -0.74
C ARG C 99 15.51 2.04 -0.92
N GLY C 100 14.60 2.32 -1.84
CA GLY C 100 14.21 3.68 -2.08
C GLY C 100 13.50 4.16 -0.81
N GLY C 101 12.68 3.31 -0.19
CA GLY C 101 12.04 3.71 1.07
C GLY C 101 13.05 3.88 2.16
N LYS C 102 13.94 2.92 2.28
CA LYS C 102 14.94 2.98 3.34
C LYS C 102 15.82 4.21 3.16
N ALA C 103 16.21 4.50 1.93
CA ALA C 103 17.09 5.63 1.66
C ALA C 103 16.47 6.92 2.17
N PHE C 104 15.17 7.10 1.94
CA PHE C 104 14.51 8.31 2.37
C PHE C 104 14.47 8.41 3.89
N GLU C 105 14.24 7.29 4.55
CA GLU C 105 14.20 7.23 5.99
C GLU C 105 15.58 7.52 6.55
N ILE C 106 16.62 6.99 5.93
CA ILE C 106 17.98 7.32 6.40
C ILE C 106 18.31 8.80 6.25
N ILE C 107 18.00 9.35 5.09
CA ILE C 107 18.19 10.74 4.82
C ILE C 107 17.47 11.58 5.87
N PHE C 108 16.24 11.22 6.19
CA PHE C 108 15.47 11.90 7.20
C PHE C 108 16.24 11.90 8.52
N THR C 109 16.81 10.76 8.91
CA THR C 109 17.57 10.69 10.16
C THR C 109 18.79 11.60 10.16
N LYS C 110 19.43 11.72 9.03
CA LYS C 110 20.60 12.58 8.91
C LYS C 110 20.22 14.01 9.22
N LEU C 111 19.04 14.40 8.72
CA LEU C 111 18.49 15.74 8.99
C LEU C 111 18.10 15.88 10.46
N LEU C 112 17.45 14.86 11.01
CA LEU C 112 17.12 14.87 12.43
C LEU C 112 18.39 15.10 13.27
N ASN C 113 19.44 14.36 12.97
CA ASN C 113 20.68 14.43 13.72
C ASN C 113 21.25 15.83 13.69
N LYS C 114 21.23 16.43 12.51
N LYS C 114 21.23 16.43 12.51
CA LYS C 114 21.78 17.76 12.31
CA LYS C 114 21.78 17.76 12.32
C LYS C 114 21.10 18.78 13.22
C LYS C 114 21.10 18.78 13.22
N PHE C 115 19.78 18.64 13.37
CA PHE C 115 19.01 19.53 14.22
C PHE C 115 19.01 19.12 15.69
N GLY C 116 19.68 18.02 16.03
CA GLY C 116 19.74 17.52 17.39
C GLY C 116 18.43 16.96 17.85
N ILE C 117 17.58 16.54 16.92
CA ILE C 117 16.28 16.01 17.27
C ILE C 117 16.51 14.58 17.63
N ARG C 118 16.18 14.24 18.86
CA ARG C 118 16.24 12.86 19.28
C ARG C 118 15.07 12.12 18.73
N TYR C 119 15.33 10.89 18.34
CA TYR C 119 14.31 10.08 17.73
C TYR C 119 14.62 8.62 18.01
N GLU C 120 13.61 7.80 17.78
CA GLU C 120 13.79 6.39 17.64
C GLU C 120 13.11 5.94 16.38
N HIS C 121 13.73 4.96 15.74
CA HIS C 121 13.22 4.34 14.54
C HIS C 121 13.14 2.86 14.85
N ASP C 122 12.30 2.15 14.14
CA ASP C 122 12.15 0.71 14.34
C ASP C 122 11.51 0.35 15.68
N ARG C 123 10.78 1.28 16.30
CA ARG C 123 10.14 0.93 17.55
C ARG C 123 8.70 0.54 17.27
N VAL C 124 8.26 -0.55 17.89
CA VAL C 124 6.91 -1.02 17.79
C VAL C 124 6.15 -0.54 19.00
N ILE C 125 5.01 0.12 18.72
CA ILE C 125 4.12 0.57 19.75
C ILE C 125 3.11 -0.56 19.94
N LYS C 126 3.23 -1.28 21.04
N LYS C 126 3.23 -1.27 21.03
CA LYS C 126 2.38 -2.45 21.25
CA LYS C 126 2.39 -2.45 21.26
C LYS C 126 0.97 -1.99 21.49
C LYS C 126 0.96 -2.00 21.50
N ILE C 127 0.03 -2.70 20.87
CA ILE C 127 -1.36 -2.35 20.94
C ILE C 127 -2.12 -3.25 21.88
N TYR C 128 -1.74 -4.51 21.88
CA TYR C 128 -2.35 -5.55 22.71
C TYR C 128 -1.34 -6.15 23.65
N ASP C 129 -1.78 -6.42 24.88
CA ASP C 129 -0.92 -7.03 25.90
C ASP C 129 -0.50 -8.41 25.41
N TYR C 130 -1.34 -9.01 24.60
CA TYR C 130 -1.26 -10.45 24.30
C TYR C 130 -0.68 -10.78 22.92
N ILE C 131 -0.34 -9.74 22.16
CA ILE C 131 0.31 -9.84 20.84
C ILE C 131 1.53 -8.91 20.92
N THR C 132 2.70 -9.34 20.46
CA THR C 132 3.88 -8.47 20.50
C THR C 132 3.88 -7.48 19.33
N GLU C 133 3.17 -7.82 18.26
CA GLU C 133 3.14 -6.95 17.09
C GLU C 133 2.31 -5.69 17.35
N GLY C 134 2.64 -4.61 16.66
CA GLY C 134 2.00 -3.34 16.93
C GLY C 134 2.21 -2.37 15.81
N GLU C 135 2.03 -1.11 16.12
CA GLU C 135 2.18 -0.08 15.15
C GLU C 135 3.61 0.46 15.15
N LYS C 136 4.06 0.87 13.97
N LYS C 136 4.06 0.87 13.97
CA LYS C 136 5.47 1.18 13.77
CA LYS C 136 5.47 1.18 13.75
C LYS C 136 5.65 2.46 12.95
C LYS C 136 5.63 2.46 12.94
N PRO C 137 5.43 3.61 13.60
CA PRO C 137 5.74 4.84 12.93
C PRO C 137 7.22 4.79 12.52
N ALA C 138 7.55 5.43 11.41
CA ALA C 138 8.94 5.54 11.00
C ALA C 138 9.78 6.14 12.09
N PHE C 139 9.26 7.21 12.70
CA PHE C 139 9.98 7.87 13.77
C PHE C 139 9.05 8.19 14.91
N ILE C 140 9.60 8.04 16.09
CA ILE C 140 8.95 8.50 17.29
C ILE C 140 9.88 9.51 17.88
N ILE C 141 9.37 10.71 18.11
CA ILE C 141 10.17 11.79 18.63
C ILE C 141 9.67 12.16 20.01
N PRO C 142 10.55 12.08 21.03
CA PRO C 142 11.96 11.71 20.99
C PRO C 142 12.24 10.22 21.14
N SER C 143 11.29 9.48 21.69
CA SER C 143 11.48 8.09 21.98
C SER C 143 10.16 7.44 22.26
N VAL C 144 10.13 6.13 22.10
CA VAL C 144 8.93 5.38 22.46
C VAL C 144 8.64 5.47 23.96
N ARG C 145 9.67 5.50 24.80
CA ARG C 145 9.38 5.61 26.24
C ARG C 145 8.64 6.89 26.54
N THR C 146 9.08 7.98 25.94
CA THR C 146 8.42 9.26 26.11
C THR C 146 6.99 9.27 25.61
N PHE C 147 6.77 8.67 24.44
CA PHE C 147 5.44 8.49 23.93
C PHE C 147 4.53 7.74 24.91
N LEU C 148 4.98 6.59 25.37
CA LEU C 148 4.19 5.76 26.26
C LEU C 148 3.98 6.48 27.58
N ASN C 149 5.01 7.19 28.06
CA ASN C 149 4.83 8.00 29.29
C ASN C 149 3.70 9.04 29.16
N ASP C 150 3.68 9.72 28.02
CA ASP C 150 2.74 10.77 27.73
C ASP C 150 2.63 10.93 26.23
N PRO C 151 1.65 10.23 25.62
CA PRO C 151 1.46 10.32 24.17
C PRO C 151 1.38 11.73 23.61
N SER C 152 0.84 12.68 24.39
CA SER C 152 0.72 14.05 23.91
C SER C 152 2.06 14.77 23.77
N SER C 153 3.11 14.19 24.36
CA SER C 153 4.42 14.82 24.48
C SER C 153 5.39 14.37 23.41
N ALA C 154 4.96 13.41 22.58
CA ALA C 154 5.81 12.82 21.53
C ALA C 154 5.14 13.01 20.18
N ILE C 155 5.95 12.90 19.15
CA ILE C 155 5.48 12.98 17.78
C ILE C 155 5.70 11.64 17.14
N LEU C 156 4.65 11.12 16.49
CA LEU C 156 4.75 9.95 15.66
C LEU C 156 4.79 10.47 14.23
N ILE C 157 5.79 10.01 13.49
CA ILE C 157 5.95 10.45 12.13
C ILE C 157 6.00 9.25 11.22
N THR C 158 5.11 9.23 10.25
N THR C 158 5.11 9.23 10.25
CA THR C 158 5.09 8.21 9.22
CA THR C 158 5.12 8.20 9.23
C THR C 158 5.69 8.87 8.00
C THR C 158 5.70 8.88 8.00
N VAL C 159 6.59 8.16 7.31
CA VAL C 159 7.32 8.70 6.23
C VAL C 159 7.16 7.77 5.04
N LYS C 160 6.81 8.33 3.89
CA LYS C 160 6.74 7.59 2.63
C LYS C 160 7.42 8.38 1.52
N ARG C 161 7.99 7.67 0.54
CA ARG C 161 8.59 8.30 -0.61
C ARG C 161 7.42 8.60 -1.53
N LYS C 162 7.28 7.87 -2.63
CA LYS C 162 6.02 7.97 -3.36
C LYS C 162 4.90 7.35 -2.53
N VAL C 163 3.71 7.93 -2.65
CA VAL C 163 2.61 7.65 -1.75
C VAL C 163 1.54 6.75 -2.39
N ARG C 164 1.19 7.02 -3.65
CA ARG C 164 0.08 6.37 -4.29
C ARG C 164 -1.13 6.38 -3.34
N GLU C 165 -1.80 5.23 -3.20
CA GLU C 165 -2.93 5.08 -2.32
C GLU C 165 -2.51 4.77 -0.88
N ARG C 166 -1.21 4.57 -0.64
CA ARG C 166 -0.70 4.04 0.60
C ARG C 166 -0.81 4.99 1.78
N TRP C 167 -1.16 6.25 1.50
CA TRP C 167 -1.49 7.19 2.55
C TRP C 167 -2.59 6.66 3.45
N ARG C 168 -3.50 5.84 2.92
CA ARG C 168 -4.54 5.29 3.79
C ARG C 168 -3.96 4.40 4.89
N GLU C 169 -2.75 3.84 4.68
CA GLU C 169 -2.05 3.10 5.69
C GLU C 169 -1.81 3.97 6.91
N ALA C 170 -1.49 5.24 6.65
CA ALA C 170 -1.21 6.17 7.74
C ALA C 170 -2.47 6.47 8.50
N VAL C 171 -3.60 6.61 7.79
CA VAL C 171 -4.90 6.85 8.40
C VAL C 171 -5.22 5.63 9.26
N GLY C 172 -4.93 4.45 8.73
CA GLY C 172 -5.15 3.19 9.45
C GLY C 172 -4.31 3.13 10.70
N GLU C 173 -3.03 3.41 10.58
CA GLU C 173 -2.13 3.42 11.70
C GLU C 173 -2.60 4.40 12.79
N ALA C 174 -2.96 5.59 12.34
CA ALA C 174 -3.41 6.65 13.23
C ALA C 174 -4.66 6.19 13.98
N GLN C 175 -5.55 5.51 13.28
CA GLN C 175 -6.80 5.07 13.92
C GLN C 175 -6.48 4.05 14.99
N ILE C 176 -5.62 3.09 14.66
CA ILE C 176 -5.25 2.07 15.63
C ILE C 176 -4.63 2.71 16.88
N LEU C 177 -3.76 3.68 16.68
CA LEU C 177 -3.08 4.39 17.76
C LEU C 177 -4.03 5.27 18.56
N ARG C 178 -4.91 5.97 17.85
CA ARG C 178 -5.91 6.82 18.52
C ARG C 178 -6.89 6.01 19.33
N ASN C 179 -7.25 4.85 18.79
CA ASN C 179 -8.12 3.96 19.51
C ASN C 179 -7.48 3.57 20.83
N LYS C 180 -6.19 3.26 20.81
CA LYS C 180 -5.51 2.77 21.99
C LYS C 180 -5.13 3.90 22.94
N PHE C 181 -4.63 5.00 22.39
CA PHE C 181 -3.99 6.06 23.19
C PHE C 181 -4.78 7.34 23.30
N GLY C 182 -5.86 7.44 22.56
CA GLY C 182 -6.69 8.64 22.54
C GLY C 182 -6.29 9.64 21.52
N ASP C 183 -7.09 10.68 21.43
CA ASP C 183 -6.96 11.64 20.37
C ASP C 183 -5.90 12.68 20.60
N GLU C 184 -5.17 12.60 21.72
CA GLU C 184 -4.12 13.57 22.04
C GLU C 184 -2.75 13.18 21.47
N ILE C 185 -2.68 12.07 20.76
CA ILE C 185 -1.44 11.77 20.07
C ILE C 185 -1.18 12.81 19.00
N ASN C 186 0.09 12.90 18.58
CA ASN C 186 0.54 13.78 17.53
C ASN C 186 1.05 12.87 16.43
N PHE C 187 0.34 12.85 15.32
CA PHE C 187 0.66 11.92 14.26
C PHE C 187 0.83 12.73 12.99
N TRP C 188 2.06 12.72 12.45
CA TRP C 188 2.37 13.55 11.31
C TRP C 188 2.74 12.64 10.15
N PHE C 189 2.33 13.04 8.95
CA PHE C 189 2.60 12.27 7.76
C PHE C 189 3.55 13.07 6.91
N VAL C 190 4.55 12.37 6.40
CA VAL C 190 5.51 12.94 5.47
C VAL C 190 5.52 12.10 4.20
N GLY C 191 5.29 12.76 3.07
CA GLY C 191 5.36 12.14 1.78
C GLY C 191 6.42 12.87 1.01
N PHE C 192 7.11 12.16 0.14
CA PHE C 192 8.15 12.79 -0.64
C PHE C 192 7.80 12.55 -2.11
N ASP C 193 6.67 13.12 -2.50
CA ASP C 193 5.95 12.73 -3.70
C ASP C 193 5.41 13.96 -4.32
N GLU C 194 5.91 14.25 -5.51
CA GLU C 194 5.50 15.42 -6.26
C GLU C 194 4.06 15.28 -6.77
N GLU C 195 3.48 14.08 -6.72
CA GLU C 195 2.11 13.85 -7.15
C GLU C 195 1.16 13.64 -5.99
N PHE C 196 1.59 14.07 -4.81
CA PHE C 196 0.75 13.98 -3.62
C PHE C 196 -0.57 14.72 -3.88
N THR C 197 -1.70 14.10 -3.57
CA THR C 197 -3.01 14.63 -3.94
C THR C 197 -3.69 15.45 -2.85
N ILE C 198 -4.53 16.37 -3.31
CA ILE C 198 -5.33 17.19 -2.38
C ILE C 198 -6.25 16.33 -1.55
N TYR C 199 -6.89 15.35 -2.17
CA TYR C 199 -7.83 14.51 -1.42
C TYR C 199 -7.10 13.84 -0.28
N SER C 200 -5.91 13.31 -0.56
CA SER C 200 -5.19 12.57 0.46
C SER C 200 -4.90 13.49 1.65
N ALA C 201 -4.52 14.73 1.33
CA ALA C 201 -4.17 15.70 2.39
C ALA C 201 -5.40 15.96 3.25
N ILE C 202 -6.49 16.32 2.59
N ILE C 202 -6.49 16.33 2.59
CA ILE C 202 -7.72 16.68 3.27
CA ILE C 202 -7.73 16.69 3.28
C ILE C 202 -8.29 15.52 4.08
C ILE C 202 -8.30 15.52 4.08
N ALA C 203 -8.44 14.36 3.43
CA ALA C 203 -8.94 13.17 4.10
C ALA C 203 -8.06 12.81 5.32
N LEU C 205 -6.13 14.80 7.13
CA LEU C 205 -6.30 15.78 8.18
C LEU C 205 -7.65 15.68 8.91
N ASP C 206 -8.66 15.15 8.22
CA ASP C 206 -9.98 14.97 8.80
C ASP C 206 -10.10 13.66 9.51
N ASN C 207 -9.06 12.83 9.40
CA ASN C 207 -9.12 11.44 9.84
C ASN C 207 -7.88 10.96 10.58
N GLY C 208 -7.40 11.80 11.49
CA GLY C 208 -6.44 11.37 12.47
C GLY C 208 -5.00 11.73 12.26
N ILE C 209 -4.73 12.43 11.18
CA ILE C 209 -3.39 12.91 10.90
C ILE C 209 -3.40 14.38 11.25
N ASP C 210 -2.50 14.76 12.14
CA ASP C 210 -2.46 16.15 12.60
C ASP C 210 -1.84 17.13 11.67
N ARG C 211 -0.81 16.67 10.95
N ARG C 211 -0.82 16.66 10.94
CA ARG C 211 0.00 17.50 10.06
CA ARG C 211 -0.11 17.47 9.98
C ARG C 211 0.44 16.67 8.87
C ARG C 211 0.32 16.62 8.84
N VAL C 212 0.40 17.28 7.69
CA VAL C 212 0.79 16.61 6.47
C VAL C 212 1.94 17.37 5.91
N TYR C 213 3.05 16.68 5.65
CA TYR C 213 4.24 17.29 5.05
C TYR C 213 4.45 16.80 3.65
N VAL C 214 4.74 17.71 2.76
CA VAL C 214 4.78 17.41 1.33
C VAL C 214 6.15 17.87 0.81
N ILE C 215 6.71 17.13 -0.13
CA ILE C 215 7.97 17.50 -0.71
C ILE C 215 7.83 18.97 -1.15
N ASP C 216 8.87 19.77 -0.93
CA ASP C 216 8.72 21.22 -1.07
C ASP C 216 8.17 21.62 -2.40
N GLY C 217 8.61 20.94 -3.46
CA GLY C 217 8.21 21.21 -4.84
C GLY C 217 6.73 21.07 -5.13
N ARG C 218 6.01 20.37 -4.26
CA ARG C 218 4.58 20.16 -4.45
C ARG C 218 3.73 21.07 -3.59
N TYR C 219 4.33 21.72 -2.60
CA TYR C 219 3.58 22.50 -1.64
C TYR C 219 2.75 23.56 -2.33
N ASP C 220 3.40 24.39 -3.12
CA ASP C 220 2.69 25.53 -3.73
C ASP C 220 1.50 25.11 -4.60
N SER C 221 1.71 24.12 -5.46
CA SER C 221 0.64 23.70 -6.37
C SER C 221 -0.48 23.02 -5.59
N LEU C 222 -0.12 22.30 -4.53
CA LEU C 222 -1.12 21.65 -3.71
C LEU C 222 -1.99 22.68 -3.03
N ILE C 223 -1.35 23.69 -2.44
CA ILE C 223 -2.09 24.77 -1.80
C ILE C 223 -2.96 25.51 -2.82
N GLU C 224 -2.44 25.70 -4.03
CA GLU C 224 -3.20 26.39 -5.07
C GLU C 224 -4.46 25.61 -5.41
N GLU C 225 -4.34 24.29 -5.53
CA GLU C 225 -5.49 23.43 -5.75
C GLU C 225 -6.52 23.61 -4.65
N ILE C 226 -6.06 23.62 -3.40
CA ILE C 226 -6.94 23.82 -2.28
C ILE C 226 -7.66 25.18 -2.40
N LYS C 227 -6.91 26.21 -2.73
CA LYS C 227 -7.46 27.56 -2.85
C LYS C 227 -8.47 27.68 -3.98
N ARG C 228 -8.36 26.81 -4.97
CA ARG C 228 -9.25 26.81 -6.14
C ARG C 228 -10.53 26.04 -5.91
N ILE C 229 -10.67 25.40 -4.74
CA ILE C 229 -11.97 24.87 -4.36
C ILE C 229 -12.82 26.09 -4.03
N SER C 230 -13.89 26.31 -4.78
CA SER C 230 -14.65 27.57 -4.66
C SER C 230 -15.91 27.42 -3.85
N ASP C 231 -16.25 26.20 -3.51
CA ASP C 231 -17.42 25.95 -2.67
C ASP C 231 -17.16 26.63 -1.32
N PRO C 232 -17.96 27.64 -0.98
CA PRO C 232 -17.68 28.37 0.28
C PRO C 232 -17.82 27.54 1.56
N ASN C 233 -18.40 26.36 1.48
CA ASN C 233 -18.53 25.49 2.62
C ASN C 233 -17.21 24.80 2.94
N PHE C 234 -16.24 24.93 2.04
CA PHE C 234 -14.92 24.37 2.26
C PHE C 234 -14.07 25.42 2.97
N ASN C 235 -13.64 25.07 4.18
CA ASN C 235 -12.83 25.95 5.01
C ASN C 235 -11.35 25.63 4.72
N GLU C 236 -10.80 26.28 3.71
N GLU C 236 -10.79 26.33 3.76
CA GLU C 236 -9.41 26.01 3.29
CA GLU C 236 -9.44 26.08 3.28
C GLU C 236 -8.40 26.26 4.41
C GLU C 236 -8.40 26.29 4.38
N ASP C 237 -8.63 27.30 5.21
CA ASP C 237 -7.66 27.69 6.24
C ASP C 237 -7.38 26.58 7.23
N LYS C 238 -8.43 25.87 7.61
CA LYS C 238 -8.35 24.75 8.52
C LYS C 238 -7.31 23.73 8.05
N TYR C 239 -7.26 23.51 6.73
CA TYR C 239 -6.39 22.53 6.16
C TYR C 239 -5.01 23.06 5.84
N ILE C 240 -5.01 24.25 5.24
CA ILE C 240 -3.77 24.88 4.79
C ILE C 240 -2.78 25.01 5.94
N GLN C 241 -3.27 25.29 7.14
CA GLN C 241 -2.42 25.45 8.30
C GLN C 241 -1.70 24.16 8.72
N LYS C 242 -2.31 23.03 8.40
CA LYS C 242 -1.83 21.72 8.79
C LYS C 242 -1.05 21.05 7.65
N ILE C 243 -0.93 21.70 6.51
CA ILE C 243 -0.16 21.15 5.39
C ILE C 243 1.10 21.97 5.34
N ARG C 244 2.24 21.29 5.28
CA ARG C 244 3.52 21.96 5.43
C ARG C 244 4.50 21.41 4.41
N ARG C 245 5.50 22.22 4.10
CA ARG C 245 6.61 21.73 3.32
C ARG C 245 7.44 20.77 4.17
N PHE C 246 8.00 19.77 3.51
CA PHE C 246 8.95 18.87 4.14
C PHE C 246 10.02 19.64 4.92
N SER C 247 10.53 20.70 4.33
CA SER C 247 11.59 21.42 4.99
C SER C 247 11.21 21.95 6.34
N ASP C 248 9.91 22.17 6.54
CA ASP C 248 9.41 22.78 7.76
C ASP C 248 9.38 21.82 8.91
N ILE C 249 9.48 20.51 8.65
CA ILE C 249 9.19 19.57 9.71
C ILE C 249 10.23 19.67 10.84
N PHE C 250 11.44 20.04 10.51
CA PHE C 250 12.52 20.03 11.49
C PHE C 250 12.34 21.10 12.54
N ASP C 251 12.06 22.31 12.10
CA ASP C 251 11.77 23.37 13.04
C ASP C 251 10.44 23.10 13.74
N ASP C 252 9.46 22.51 13.04
CA ASP C 252 8.18 22.17 13.66
C ASP C 252 8.39 21.21 14.82
N ILE C 253 9.30 20.25 14.64
CA ILE C 253 9.59 19.30 15.69
C ILE C 253 10.25 20.04 16.85
N ILE C 254 11.23 20.87 16.51
CA ILE C 254 11.95 21.69 17.52
C ILE C 254 10.92 22.50 18.33
N GLN C 255 9.99 23.15 17.65
CA GLN C 255 9.01 23.99 18.35
C GLN C 255 8.04 23.17 19.19
N PHE C 256 7.66 22.03 18.65
CA PHE C 256 6.85 21.11 19.40
C PHE C 256 7.57 20.68 20.67
N LEU C 257 8.82 20.27 20.57
CA LEU C 257 9.56 19.75 21.73
C LEU C 257 9.80 20.86 22.76
N ASN C 258 10.07 22.07 22.26
CA ASN C 258 10.22 23.27 23.12
C ASN C 258 8.95 23.57 23.93
N LYS C 259 7.80 23.26 23.36
CA LYS C 259 6.51 23.50 24.01
C LYS C 259 6.15 22.36 24.97
N HIS C 260 6.60 21.15 24.67
CA HIS C 260 6.18 19.97 25.42
C HIS C 260 7.21 19.50 26.45
N ARG D 3 -3.77 -17.56 -28.47
CA ARG D 3 -2.34 -17.57 -28.92
C ARG D 3 -1.89 -16.22 -29.52
N ASN D 4 -1.70 -16.12 -30.84
CA ASN D 4 -0.78 -15.13 -31.41
C ASN D 4 -1.29 -13.70 -31.46
N LEU D 5 -0.66 -12.84 -30.65
CA LEU D 5 -1.01 -11.43 -30.57
C LEU D 5 -0.43 -10.64 -31.72
N VAL D 6 -1.25 -9.72 -32.22
CA VAL D 6 -0.75 -8.66 -33.07
C VAL D 6 -0.04 -7.68 -32.14
N ILE D 7 1.24 -7.45 -32.41
CA ILE D 7 2.07 -6.55 -31.61
C ILE D 7 2.20 -5.22 -32.36
N ASP D 8 2.05 -4.13 -31.63
CA ASP D 8 2.31 -2.82 -32.17
C ASP D 8 3.39 -2.22 -31.29
N ILE D 9 4.64 -2.13 -31.77
CA ILE D 9 5.74 -1.63 -30.92
C ILE D 9 5.71 -0.14 -30.65
N THR D 10 4.81 0.61 -31.27
CA THR D 10 4.67 2.03 -30.93
C THR D 10 3.93 2.14 -29.60
N LYS D 11 3.29 1.05 -29.18
CA LYS D 11 2.58 1.01 -27.91
C LYS D 11 3.54 0.64 -26.82
N LYS D 12 3.16 1.00 -25.59
CA LYS D 12 3.88 0.52 -24.43
C LYS D 12 3.71 -0.99 -24.47
N PRO D 13 4.77 -1.74 -24.15
CA PRO D 13 4.71 -3.19 -24.39
C PRO D 13 3.46 -3.87 -23.81
N THR D 14 3.12 -3.53 -22.58
CA THR D 14 2.04 -4.22 -21.91
C THR D 14 0.67 -3.89 -22.51
N GLN D 15 0.58 -2.79 -23.24
CA GLN D 15 -0.66 -2.44 -23.94
C GLN D 15 -1.00 -3.45 -25.05
N ASN D 16 -0.03 -4.28 -25.43
CA ASN D 16 -0.26 -5.36 -26.40
C ASN D 16 -0.86 -6.59 -25.77
N ILE D 17 -0.86 -6.63 -24.44
CA ILE D 17 -1.41 -7.74 -23.69
C ILE D 17 -2.93 -7.52 -23.49
N PRO D 18 -3.74 -8.51 -23.89
CA PRO D 18 -5.17 -8.40 -23.72
C PRO D 18 -5.54 -8.03 -22.29
N PRO D 19 -6.67 -7.35 -22.15
CA PRO D 19 -7.06 -6.94 -20.82
C PRO D 19 -7.37 -8.11 -19.92
N THR D 20 -7.21 -7.88 -18.61
CA THR D 20 -7.42 -8.96 -17.66
C THR D 20 -8.80 -9.62 -17.80
N ASN D 21 -9.84 -8.82 -17.99
CA ASN D 21 -11.16 -9.39 -18.13
C ASN D 21 -11.21 -10.43 -19.24
N GLU D 22 -10.61 -10.10 -20.38
N GLU D 22 -10.60 -10.11 -20.37
CA GLU D 22 -10.54 -11.04 -21.50
CA GLU D 22 -10.54 -11.04 -21.50
C GLU D 22 -9.83 -12.32 -21.11
C GLU D 22 -9.79 -12.32 -21.17
N ILE D 23 -8.71 -12.17 -20.41
CA ILE D 23 -7.90 -13.31 -20.00
C ILE D 23 -8.65 -14.18 -19.01
N ILE D 24 -9.37 -13.53 -18.09
CA ILE D 24 -10.21 -14.27 -17.16
C ILE D 24 -11.28 -15.06 -17.92
N GLU D 25 -11.92 -14.43 -18.90
N GLU D 25 -11.92 -14.45 -18.90
CA GLU D 25 -12.94 -15.11 -19.71
CA GLU D 25 -12.98 -15.12 -19.64
C GLU D 25 -12.32 -16.32 -20.40
C GLU D 25 -12.45 -16.30 -20.42
N GLU D 26 -11.16 -16.11 -21.02
N GLU D 26 -11.22 -16.18 -20.90
CA GLU D 26 -10.39 -17.21 -21.61
CA GLU D 26 -10.53 -17.26 -21.58
C GLU D 26 -10.21 -18.34 -20.58
C GLU D 26 -10.18 -18.36 -20.59
N ALA D 27 -9.74 -17.98 -19.40
CA ALA D 27 -9.45 -18.95 -18.34
C ALA D 27 -10.71 -19.69 -17.92
N ILE D 28 -11.80 -18.94 -17.83
CA ILE D 28 -13.09 -19.51 -17.46
C ILE D 28 -13.52 -20.53 -18.52
N THR D 29 -13.38 -20.18 -19.79
CA THR D 29 -13.71 -21.10 -20.88
C THR D 29 -12.80 -22.34 -20.82
N GLU D 30 -11.48 -22.11 -20.75
CA GLU D 30 -10.50 -23.21 -20.75
C GLU D 30 -10.64 -24.17 -19.58
N LEU D 31 -10.99 -23.68 -18.40
CA LEU D 31 -11.19 -24.52 -17.22
C LEU D 31 -12.62 -25.01 -17.03
N ASN D 32 -13.51 -24.69 -17.95
CA ASN D 32 -14.91 -25.08 -17.85
C ASN D 32 -15.49 -24.61 -16.50
N VAL D 33 -15.15 -23.38 -16.13
CA VAL D 33 -15.54 -22.89 -14.82
C VAL D 33 -17.05 -22.72 -14.66
N ASP D 34 -17.77 -22.41 -15.72
CA ASP D 34 -19.21 -22.18 -15.60
C ASP D 34 -19.91 -23.46 -15.16
N GLU D 35 -19.51 -24.57 -15.76
CA GLU D 35 -20.05 -25.86 -15.37
C GLU D 35 -19.58 -26.22 -13.97
N LEU D 36 -18.34 -25.85 -13.64
CA LEU D 36 -17.81 -26.00 -12.30
C LEU D 36 -18.64 -25.20 -11.28
N LEU D 37 -18.93 -23.95 -11.60
CA LEU D 37 -19.77 -23.10 -10.74
C LEU D 37 -21.18 -23.66 -10.52
N ASP D 38 -21.70 -24.38 -11.52
CA ASP D 38 -23.00 -25.05 -11.36
C ASP D 38 -22.94 -26.15 -10.26
N ARG D 39 -21.73 -26.57 -9.89
CA ARG D 39 -21.56 -27.58 -8.83
C ARG D 39 -20.82 -27.04 -7.61
N LEU D 40 -20.99 -25.75 -7.34
CA LEU D 40 -20.37 -25.20 -6.13
C LEU D 40 -20.75 -26.00 -4.89
N PHE D 41 -19.74 -26.27 -4.06
CA PHE D 41 -19.87 -26.96 -2.75
C PHE D 41 -20.13 -28.47 -2.88
N GLU D 42 -20.07 -28.98 -4.10
CA GLU D 42 -20.08 -30.40 -4.34
C GLU D 42 -18.65 -30.85 -4.59
N LYS D 43 -18.42 -32.15 -4.61
CA LYS D 43 -17.06 -32.65 -4.82
C LYS D 43 -16.72 -32.67 -6.30
N ASP D 44 -15.51 -32.26 -6.64
CA ASP D 44 -15.07 -32.37 -8.02
C ASP D 44 -14.55 -33.78 -8.24
N GLU D 45 -14.13 -34.07 -9.47
CA GLU D 45 -13.69 -35.43 -9.81
C GLU D 45 -12.44 -35.89 -9.07
N SER D 46 -11.68 -34.95 -8.54
CA SER D 46 -10.49 -35.26 -7.77
C SER D 46 -10.81 -35.52 -6.28
N GLY D 47 -12.08 -35.33 -5.92
CA GLY D 47 -12.54 -35.55 -4.56
C GLY D 47 -12.40 -34.35 -3.66
N GLU D 48 -12.18 -33.18 -4.25
CA GLU D 48 -12.10 -31.96 -3.46
C GLU D 48 -13.42 -31.21 -3.60
N VAL D 49 -13.87 -30.59 -2.51
CA VAL D 49 -15.05 -29.76 -2.59
C VAL D 49 -14.74 -28.57 -3.49
N ILE D 50 -15.67 -28.29 -4.39
CA ILE D 50 -15.62 -27.13 -5.27
C ILE D 50 -16.05 -25.95 -4.45
N THR D 51 -15.07 -25.13 -4.05
CA THR D 51 -15.36 -23.97 -3.25
C THR D 51 -15.04 -22.72 -4.06
N PRO D 52 -15.72 -21.60 -3.73
CA PRO D 52 -15.32 -20.36 -4.37
C PRO D 52 -13.83 -20.05 -4.24
N SER D 53 -13.21 -20.36 -3.10
CA SER D 53 -11.77 -20.07 -2.92
C SER D 53 -10.93 -20.91 -3.86
N ARG D 54 -11.26 -22.19 -3.99
N ARG D 54 -11.26 -22.18 -4.00
CA ARG D 54 -10.52 -23.05 -4.92
CA ARG D 54 -10.50 -23.06 -4.91
C ARG D 54 -10.70 -22.59 -6.35
C ARG D 54 -10.72 -22.69 -6.38
N ILE D 55 -11.93 -22.27 -6.73
CA ILE D 55 -12.24 -21.81 -8.07
C ILE D 55 -11.44 -20.53 -8.32
N ALA D 56 -11.45 -19.64 -7.35
CA ALA D 56 -10.70 -18.37 -7.50
C ALA D 56 -9.21 -18.65 -7.70
N LYS D 57 -8.67 -19.53 -6.88
CA LYS D 57 -7.27 -19.84 -6.96
C LYS D 57 -6.92 -20.47 -8.29
N LEU D 59 -8.62 -20.17 -11.11
CA LEU D 59 -8.76 -19.15 -12.14
C LEU D 59 -7.60 -18.19 -12.12
N GLU D 60 -7.15 -17.80 -10.94
N GLU D 60 -7.18 -17.78 -10.93
CA GLU D 60 -6.06 -16.85 -10.84
CA GLU D 60 -6.00 -16.91 -10.79
C GLU D 60 -4.77 -17.49 -11.39
C GLU D 60 -4.85 -17.54 -11.53
N GLU D 61 -4.60 -18.80 -11.19
CA GLU D 61 -3.44 -19.49 -11.73
C GLU D 61 -3.53 -19.62 -13.24
N LYS D 62 -4.69 -20.01 -13.74
N LYS D 62 -4.70 -20.01 -13.73
CA LYS D 62 -4.85 -20.20 -15.18
CA LYS D 62 -4.86 -20.19 -15.18
C LYS D 62 -4.74 -18.86 -15.91
C LYS D 62 -4.72 -18.86 -15.89
N ALA D 63 -5.39 -17.83 -15.38
CA ALA D 63 -5.25 -16.50 -15.93
C ALA D 63 -3.79 -16.05 -15.97
N PHE D 64 -3.01 -16.41 -14.97
CA PHE D 64 -1.62 -16.04 -14.90
C PHE D 64 -0.87 -16.80 -15.98
N GLU D 65 -1.17 -18.07 -16.15
CA GLU D 65 -0.51 -18.84 -17.21
C GLU D 65 -0.75 -18.22 -18.58
N ILE D 66 -2.00 -17.83 -18.83
CA ILE D 66 -2.37 -17.21 -20.09
C ILE D 66 -1.66 -15.88 -20.23
N TYR D 67 -1.74 -15.08 -19.17
CA TYR D 67 -1.01 -13.83 -19.14
C TYR D 67 0.47 -14.06 -19.48
N LYS D 68 1.10 -15.06 -18.86
N LYS D 68 1.10 -15.06 -18.86
CA LYS D 68 2.53 -15.28 -19.06
CA LYS D 68 2.53 -15.28 -19.06
C LYS D 68 2.86 -15.60 -20.51
C LYS D 68 2.86 -15.59 -20.51
N GLU D 69 1.94 -16.30 -21.18
N GLU D 69 1.95 -16.27 -21.19
CA GLU D 69 2.13 -16.62 -22.61
CA GLU D 69 2.16 -16.60 -22.61
C GLU D 69 2.15 -15.32 -23.41
C GLU D 69 2.14 -15.32 -23.44
N TYR D 70 1.17 -14.46 -23.14
CA TYR D 70 1.10 -13.17 -23.80
C TYR D 70 2.31 -12.34 -23.45
N GLU D 71 2.70 -12.33 -22.18
CA GLU D 71 3.90 -11.63 -21.75
C GLU D 71 5.12 -12.10 -22.53
N LYS D 72 5.27 -13.42 -22.67
CA LYS D 72 6.37 -13.98 -23.45
C LYS D 72 6.34 -13.48 -24.88
N GLN D 73 5.17 -13.45 -25.49
CA GLN D 73 5.07 -12.98 -26.87
C GLN D 73 5.51 -11.55 -26.98
N VAL D 74 5.04 -10.74 -26.04
CA VAL D 74 5.40 -9.32 -26.05
C VAL D 74 6.88 -9.16 -25.78
N ARG D 75 7.41 -9.90 -24.82
CA ARG D 75 8.83 -9.82 -24.49
C ARG D 75 9.65 -10.07 -25.71
N GLU D 76 9.29 -11.15 -26.39
CA GLU D 76 10.12 -11.59 -27.53
C GLU D 76 10.09 -10.55 -28.64
N ALA D 77 8.91 -9.99 -28.88
CA ALA D 77 8.72 -9.00 -29.91
C ALA D 77 9.51 -7.75 -29.59
N TYR D 78 9.36 -7.29 -28.37
CA TYR D 78 10.02 -6.07 -27.96
C TYR D 78 11.52 -6.20 -27.88
N LEU D 79 12.03 -7.35 -27.46
CA LEU D 79 13.45 -7.56 -27.46
C LEU D 79 13.97 -7.62 -28.90
N SER D 80 13.19 -8.20 -29.80
N SER D 80 13.21 -8.22 -29.80
CA SER D 80 13.56 -8.27 -31.20
CA SER D 80 13.60 -8.24 -31.20
C SER D 80 13.61 -6.86 -31.83
C SER D 80 13.73 -6.81 -31.71
N ALA D 81 12.82 -5.97 -31.25
CA ALA D 81 12.82 -4.54 -31.61
C ALA D 81 13.86 -3.69 -30.93
N GLY D 82 14.61 -4.29 -30.01
CA GLY D 82 15.69 -3.59 -29.30
C GLY D 82 15.29 -2.87 -28.03
N TYR D 83 14.09 -3.13 -27.53
CA TYR D 83 13.56 -2.43 -26.38
C TYR D 83 14.38 -2.80 -25.16
N SER D 84 14.63 -1.81 -24.30
CA SER D 84 15.36 -2.06 -23.05
C SER D 84 14.80 -3.25 -22.27
N ARG D 85 15.65 -4.24 -21.98
CA ARG D 85 15.19 -5.40 -21.25
C ARG D 85 14.81 -5.01 -19.82
N GLU D 86 15.60 -4.13 -19.22
CA GLU D 86 15.31 -3.75 -17.85
C GLU D 86 13.96 -3.05 -17.76
N LYS D 87 13.66 -2.14 -18.67
CA LYS D 87 12.39 -1.40 -18.65
C LYS D 87 11.26 -2.33 -18.94
N LEU D 88 11.48 -3.23 -19.89
CA LEU D 88 10.48 -4.20 -20.27
C LEU D 88 10.10 -5.05 -19.06
N GLU D 89 11.10 -5.53 -18.33
CA GLU D 89 10.82 -6.41 -17.18
C GLU D 89 10.14 -5.61 -16.07
N GLN D 90 10.53 -4.34 -15.96
CA GLN D 90 9.89 -3.48 -14.94
C GLN D 90 8.44 -3.32 -15.28
N SER D 91 8.20 -3.01 -16.55
CA SER D 91 6.84 -2.85 -17.05
C SER D 91 6.00 -4.10 -16.78
N PHE D 92 6.58 -5.25 -17.06
CA PHE D 92 5.91 -6.47 -16.84
C PHE D 92 5.61 -6.72 -15.35
N GLN D 93 6.55 -6.44 -14.48
CA GLN D 93 6.30 -6.61 -13.05
C GLN D 93 5.15 -5.70 -12.62
N GLN D 94 5.18 -4.47 -13.10
CA GLN D 94 4.13 -3.52 -12.74
C GLN D 94 2.80 -3.96 -13.32
N ALA D 95 2.84 -4.53 -14.51
CA ALA D 95 1.63 -5.11 -15.06
C ALA D 95 1.15 -6.25 -14.21
N ARG D 96 2.07 -7.12 -13.78
CA ARG D 96 1.69 -8.26 -12.96
C ARG D 96 1.06 -7.85 -11.64
N PHE D 97 1.57 -6.79 -11.03
CA PHE D 97 0.94 -6.30 -9.81
C PHE D 97 -0.49 -5.86 -10.10
N SER D 98 -0.64 -4.94 -11.05
CA SER D 98 -1.94 -4.38 -11.39
C SER D 98 -2.94 -5.49 -11.79
N ARG D 99 -2.48 -6.37 -12.68
CA ARG D 99 -3.34 -7.38 -13.24
C ARG D 99 -3.61 -8.48 -12.25
N GLY D 100 -2.63 -8.77 -11.39
CA GLY D 100 -2.84 -9.77 -10.34
C GLY D 100 -3.99 -9.36 -9.46
N GLY D 101 -4.00 -8.07 -9.11
CA GLY D 101 -5.08 -7.51 -8.31
C GLY D 101 -6.38 -7.52 -9.11
N LYS D 102 -6.32 -7.05 -10.35
CA LYS D 102 -7.53 -6.96 -11.15
C LYS D 102 -8.13 -8.34 -11.41
N ALA D 103 -7.28 -9.33 -11.64
CA ALA D 103 -7.72 -10.70 -11.88
C ALA D 103 -8.53 -11.18 -10.71
N PHE D 104 -8.02 -10.93 -9.52
CA PHE D 104 -8.71 -11.40 -8.33
C PHE D 104 -10.07 -10.70 -8.18
N GLU D 105 -10.06 -9.40 -8.41
CA GLU D 105 -11.27 -8.60 -8.38
C GLU D 105 -12.32 -9.06 -9.39
N ILE D 106 -11.85 -9.33 -10.59
CA ILE D 106 -12.76 -9.82 -11.62
C ILE D 106 -13.30 -11.20 -11.29
N ILE D 107 -12.45 -12.09 -10.77
CA ILE D 107 -12.88 -13.41 -10.35
C ILE D 107 -13.94 -13.22 -9.28
N PHE D 108 -13.72 -12.31 -8.35
CA PHE D 108 -14.70 -12.01 -7.32
C PHE D 108 -16.04 -11.63 -7.95
N THR D 109 -16.01 -10.78 -8.97
CA THR D 109 -17.26 -10.38 -9.59
C THR D 109 -17.94 -11.55 -10.28
N LYS D 110 -17.15 -12.42 -10.89
CA LYS D 110 -17.72 -13.61 -11.54
C LYS D 110 -18.45 -14.47 -10.51
N LEU D 111 -17.89 -14.56 -9.30
CA LEU D 111 -18.54 -15.27 -8.22
C LEU D 111 -19.78 -14.52 -7.73
N LEU D 112 -19.71 -13.19 -7.59
CA LEU D 112 -20.90 -12.42 -7.22
C LEU D 112 -22.03 -12.70 -8.22
N ASN D 113 -21.67 -12.65 -9.49
CA ASN D 113 -22.61 -12.84 -10.57
C ASN D 113 -23.26 -14.20 -10.46
N LYS D 114 -22.45 -15.23 -10.23
CA LYS D 114 -22.96 -16.61 -10.10
C LYS D 114 -23.95 -16.73 -8.97
N PHE D 115 -23.67 -16.10 -7.85
CA PHE D 115 -24.54 -16.15 -6.69
C PHE D 115 -25.74 -15.20 -6.81
N GLY D 116 -25.81 -14.48 -7.92
CA GLY D 116 -26.93 -13.57 -8.24
C GLY D 116 -26.94 -12.36 -7.34
N ILE D 117 -25.77 -11.98 -6.85
CA ILE D 117 -25.66 -10.88 -5.92
C ILE D 117 -25.57 -9.58 -6.69
N ARG D 118 -26.45 -8.64 -6.37
CA ARG D 118 -26.41 -7.32 -6.97
C ARG D 118 -25.28 -6.56 -6.31
N TYR D 119 -24.51 -5.86 -7.14
CA TYR D 119 -23.43 -5.07 -6.59
C TYR D 119 -23.14 -3.95 -7.55
N GLU D 120 -22.41 -2.98 -7.03
CA GLU D 120 -21.77 -1.99 -7.85
C GLU D 120 -20.28 -2.06 -7.55
N HIS D 121 -19.48 -1.86 -8.58
CA HIS D 121 -18.04 -2.04 -8.50
C HIS D 121 -17.33 -0.73 -8.79
N ASP D 122 -16.29 -0.48 -8.02
CA ASP D 122 -15.39 0.65 -8.18
C ASP D 122 -16.14 1.96 -8.43
N ARG D 123 -17.23 2.15 -7.68
CA ARG D 123 -17.95 3.42 -7.70
C ARG D 123 -17.38 4.25 -6.53
N VAL D 124 -17.26 5.53 -6.78
CA VAL D 124 -16.71 6.44 -5.77
C VAL D 124 -17.81 6.94 -4.85
N ILE D 125 -17.56 6.81 -3.55
CA ILE D 125 -18.43 7.36 -2.52
C ILE D 125 -17.82 8.71 -2.16
N LYS D 126 -18.53 9.77 -2.46
CA LYS D 126 -17.99 11.13 -2.21
C LYS D 126 -17.97 11.38 -0.73
N ILE D 127 -16.88 11.95 -0.26
CA ILE D 127 -16.72 12.31 1.14
C ILE D 127 -16.97 13.81 1.29
N TYR D 128 -16.49 14.59 0.32
CA TYR D 128 -16.69 16.01 0.25
C TYR D 128 -17.36 16.27 -1.08
N ASP D 129 -18.49 16.95 -1.07
CA ASP D 129 -19.21 17.13 -2.32
C ASP D 129 -18.42 17.99 -3.31
N TYR D 130 -17.51 18.82 -2.81
CA TYR D 130 -16.67 19.68 -3.64
C TYR D 130 -15.33 19.09 -4.04
N ILE D 131 -15.08 17.82 -3.71
CA ILE D 131 -13.87 17.13 -4.15
C ILE D 131 -14.29 15.91 -4.94
N THR D 132 -13.78 15.78 -6.16
CA THR D 132 -14.25 14.73 -7.06
C THR D 132 -13.81 13.38 -6.52
N GLU D 133 -12.64 13.36 -5.89
N GLU D 133 -12.62 13.35 -5.93
CA GLU D 133 -12.07 12.15 -5.37
CA GLU D 133 -12.10 12.13 -5.37
C GLU D 133 -12.73 11.75 -4.04
C GLU D 133 -12.83 11.76 -4.08
N GLY D 134 -13.02 10.47 -3.88
CA GLY D 134 -13.59 9.94 -2.66
C GLY D 134 -13.04 8.56 -2.31
N GLU D 135 -13.87 7.77 -1.67
CA GLU D 135 -13.52 6.42 -1.29
C GLU D 135 -14.15 5.47 -2.29
N LYS D 136 -13.40 4.45 -2.66
CA LYS D 136 -13.86 3.55 -3.71
C LYS D 136 -13.69 2.11 -3.23
N PRO D 137 -14.63 1.63 -2.38
CA PRO D 137 -14.62 0.23 -2.05
C PRO D 137 -14.62 -0.58 -3.33
N ALA D 138 -14.03 -1.77 -3.32
CA ALA D 138 -14.04 -2.65 -4.47
C ALA D 138 -15.50 -2.92 -4.85
N PHE D 139 -16.34 -3.21 -3.85
CA PHE D 139 -17.72 -3.52 -4.08
C PHE D 139 -18.61 -2.87 -3.06
N ILE D 140 -19.75 -2.41 -3.56
CA ILE D 140 -20.83 -1.91 -2.73
C ILE D 140 -22.03 -2.77 -3.05
N ILE D 141 -22.56 -3.40 -2.03
CA ILE D 141 -23.65 -4.34 -2.18
C ILE D 141 -24.85 -3.88 -1.39
N PRO D 142 -26.03 -3.75 -2.03
CA PRO D 142 -26.34 -4.00 -3.44
C PRO D 142 -26.00 -2.82 -4.37
N SER D 143 -25.91 -1.62 -3.79
CA SER D 143 -25.73 -0.42 -4.60
C SER D 143 -25.31 0.72 -3.73
N VAL D 144 -24.73 1.74 -4.35
N VAL D 144 -24.72 1.75 -4.36
CA VAL D 144 -24.40 2.96 -3.64
CA VAL D 144 -24.41 2.99 -3.68
C VAL D 144 -25.67 3.64 -3.13
C VAL D 144 -25.70 3.62 -3.11
N ARG D 145 -26.78 3.54 -3.86
CA ARG D 145 -28.05 4.18 -3.42
C ARG D 145 -28.50 3.60 -2.10
N THR D 146 -28.43 2.27 -1.98
CA THR D 146 -28.83 1.63 -0.78
C THR D 146 -27.89 2.04 0.35
N PHE D 147 -26.60 2.08 0.05
CA PHE D 147 -25.63 2.50 1.06
C PHE D 147 -25.94 3.90 1.61
N LEU D 148 -26.11 4.84 0.72
CA LEU D 148 -26.35 6.22 1.11
C LEU D 148 -27.64 6.40 1.87
N ASN D 149 -28.63 5.55 1.60
CA ASN D 149 -29.93 5.71 2.26
C ASN D 149 -30.02 5.03 3.57
N ASP D 150 -29.26 3.94 3.69
CA ASP D 150 -29.18 3.25 4.94
C ASP D 150 -27.89 2.44 4.89
N PRO D 151 -26.78 3.04 5.36
CA PRO D 151 -25.51 2.30 5.34
C PRO D 151 -25.58 0.94 6.04
N SER D 152 -26.40 0.83 7.08
CA SER D 152 -26.58 -0.45 7.78
C SER D 152 -27.12 -1.59 6.92
N SER D 153 -27.69 -1.23 5.76
N SER D 153 -27.71 -1.25 5.76
CA SER D 153 -28.35 -2.17 4.85
CA SER D 153 -28.32 -2.25 4.90
C SER D 153 -27.47 -2.57 3.67
C SER D 153 -27.48 -2.53 3.64
N ALA D 154 -26.26 -2.02 3.61
CA ALA D 154 -25.35 -2.26 2.48
C ALA D 154 -24.03 -2.82 3.02
N ILE D 155 -23.32 -3.51 2.15
CA ILE D 155 -22.00 -4.01 2.45
C ILE D 155 -21.00 -3.35 1.53
N LEU D 156 -19.94 -2.82 2.14
CA LEU D 156 -18.74 -2.35 1.44
C LEU D 156 -17.70 -3.43 1.59
N ILE D 157 -17.11 -3.83 0.48
CA ILE D 157 -16.10 -4.89 0.49
C ILE D 157 -14.88 -4.38 -0.20
N THR D 158 -13.74 -4.50 0.48
CA THR D 158 -12.47 -4.22 -0.13
C THR D 158 -11.78 -5.57 -0.29
N VAL D 159 -11.14 -5.76 -1.43
CA VAL D 159 -10.49 -7.03 -1.76
C VAL D 159 -9.04 -6.82 -2.17
N LYS D 160 -8.16 -7.66 -1.63
CA LYS D 160 -6.75 -7.64 -1.94
C LYS D 160 -6.29 -9.08 -2.13
N ARG D 161 -5.28 -9.25 -2.95
CA ARG D 161 -4.68 -10.52 -3.20
C ARG D 161 -3.67 -10.74 -2.08
N LYS D 162 -2.38 -10.59 -2.36
CA LYS D 162 -1.42 -10.53 -1.26
C LYS D 162 -1.62 -9.22 -0.55
N VAL D 163 -1.46 -9.26 0.77
CA VAL D 163 -1.88 -8.15 1.62
C VAL D 163 -0.72 -7.32 2.14
N ARG D 164 0.38 -7.96 2.52
CA ARG D 164 1.52 -7.30 3.15
C ARG D 164 1.01 -6.37 4.25
N GLU D 165 1.49 -5.14 4.27
CA GLU D 165 1.04 -4.16 5.27
C GLU D 165 -0.18 -3.38 4.80
N ARG D 166 -0.60 -3.64 3.55
CA ARG D 166 -1.63 -2.86 2.92
C ARG D 166 -3.03 -2.99 3.50
N TRP D 167 -3.21 -3.96 4.39
CA TRP D 167 -4.46 -4.06 5.14
C TRP D 167 -4.77 -2.77 5.90
N ARG D 168 -3.74 -2.03 6.31
CA ARG D 168 -4.02 -0.74 6.96
C ARG D 168 -4.76 0.23 6.05
N GLU D 169 -4.64 0.06 4.73
CA GLU D 169 -5.42 0.88 3.79
C GLU D 169 -6.90 0.68 3.99
N ALA D 170 -7.29 -0.54 4.32
CA ALA D 170 -8.67 -0.86 4.55
C ALA D 170 -9.15 -0.22 5.86
N VAL D 171 -8.31 -0.25 6.89
CA VAL D 171 -8.60 0.49 8.12
C VAL D 171 -8.80 1.98 7.83
N GLY D 172 -7.93 2.56 7.02
CA GLY D 172 -8.01 3.96 6.68
C GLY D 172 -9.28 4.25 5.92
N GLU D 173 -9.61 3.42 4.91
CA GLU D 173 -10.83 3.63 4.14
C GLU D 173 -12.04 3.53 5.06
N ALA D 174 -12.04 2.54 5.93
CA ALA D 174 -13.16 2.35 6.83
C ALA D 174 -13.32 3.55 7.75
N GLN D 175 -12.21 4.10 8.22
CA GLN D 175 -12.25 5.23 9.12
C GLN D 175 -12.83 6.43 8.38
N ILE D 176 -12.35 6.69 7.19
CA ILE D 176 -12.87 7.82 6.43
C ILE D 176 -14.39 7.70 6.23
N LEU D 177 -14.83 6.51 5.85
CA LEU D 177 -16.24 6.24 5.63
C LEU D 177 -17.03 6.31 6.92
N ARG D 178 -16.50 5.75 8.01
CA ARG D 178 -17.22 5.77 9.30
C ARG D 178 -17.31 7.20 9.80
N ASN D 179 -16.26 7.97 9.55
CA ASN D 179 -16.24 9.33 10.01
C ASN D 179 -17.38 10.08 9.36
N LYS D 180 -17.62 9.80 8.09
CA LYS D 180 -18.64 10.48 7.31
C LYS D 180 -20.02 9.92 7.54
N PHE D 181 -20.13 8.60 7.46
CA PHE D 181 -21.43 7.95 7.40
C PHE D 181 -21.88 7.29 8.68
N GLY D 182 -21.00 7.26 9.67
CA GLY D 182 -21.31 6.73 10.95
C GLY D 182 -20.85 5.31 11.08
N ASP D 183 -20.95 4.82 12.30
CA ASP D 183 -20.39 3.56 12.68
C ASP D 183 -21.31 2.38 12.31
N GLU D 184 -22.39 2.65 11.61
CA GLU D 184 -23.36 1.62 11.23
C GLU D 184 -23.04 0.98 9.88
N ILE D 185 -22.02 1.50 9.21
CA ILE D 185 -21.62 0.91 7.94
C ILE D 185 -21.13 -0.51 8.20
N ASN D 186 -21.14 -1.29 7.14
CA ASN D 186 -20.64 -2.64 7.14
C ASN D 186 -19.51 -2.71 6.15
N PHE D 187 -18.33 -2.96 6.64
CA PHE D 187 -17.12 -2.92 5.83
C PHE D 187 -16.42 -4.26 6.02
N TRP D 188 -16.30 -5.01 4.93
CA TRP D 188 -15.73 -6.35 5.00
C TRP D 188 -14.44 -6.35 4.21
N PHE D 189 -13.44 -7.01 4.76
CA PHE D 189 -12.13 -7.09 4.09
C PHE D 189 -11.93 -8.49 3.59
N VAL D 190 -11.50 -8.60 2.34
CA VAL D 190 -11.13 -9.87 1.76
C VAL D 190 -9.67 -9.84 1.38
N GLY D 191 -8.90 -10.77 1.88
CA GLY D 191 -7.52 -10.95 1.43
C GLY D 191 -7.40 -12.33 0.83
N PHE D 192 -6.41 -12.53 0.01
CA PHE D 192 -6.22 -13.81 -0.65
C PHE D 192 -4.76 -14.19 -0.52
N ASP D 193 -4.38 -14.38 0.73
CA ASP D 193 -3.01 -14.39 1.12
C ASP D 193 -2.81 -15.42 2.21
N GLU D 194 -1.97 -16.40 1.91
CA GLU D 194 -1.72 -17.48 2.84
C GLU D 194 -0.92 -16.98 4.04
N GLU D 195 -0.29 -15.83 3.92
CA GLU D 195 0.56 -15.31 5.00
C GLU D 195 -0.11 -14.19 5.79
N PHE D 196 -1.42 -14.11 5.62
CA PHE D 196 -2.23 -13.11 6.29
C PHE D 196 -2.03 -13.30 7.80
N THR D 197 -1.80 -12.19 8.50
CA THR D 197 -1.39 -12.29 9.88
C THR D 197 -2.50 -12.09 10.89
N ILE D 198 -2.30 -12.69 12.06
CA ILE D 198 -3.28 -12.54 13.15
C ILE D 198 -3.42 -11.09 13.57
N TYR D 199 -2.30 -10.40 13.69
CA TYR D 199 -2.40 -9.02 14.14
C TYR D 199 -3.25 -8.21 13.19
N SER D 200 -3.05 -8.39 11.90
CA SER D 200 -3.82 -7.62 10.92
C SER D 200 -5.33 -7.90 11.09
N ALA D 201 -5.67 -9.15 11.33
CA ALA D 201 -7.06 -9.51 11.48
C ALA D 201 -7.67 -8.83 12.72
N ILE D 202 -6.97 -8.95 13.83
CA ILE D 202 -7.49 -8.43 15.09
C ILE D 202 -7.51 -6.92 15.05
N ALA D 203 -6.43 -6.31 14.58
CA ALA D 203 -6.39 -4.86 14.42
C ALA D 203 -7.49 -4.33 13.54
N LEU D 205 -10.41 -5.80 12.91
CA LEU D 205 -11.70 -6.06 13.54
C LEU D 205 -11.98 -5.15 14.71
N ASP D 206 -10.91 -4.65 15.31
CA ASP D 206 -11.01 -3.66 16.39
C ASP D 206 -11.05 -2.21 15.92
N ASN D 207 -10.87 -1.99 14.62
CA ASN D 207 -10.73 -0.66 14.06
C ASN D 207 -11.51 -0.43 12.80
N GLY D 208 -12.74 -0.90 12.76
CA GLY D 208 -13.67 -0.40 11.74
C GLY D 208 -13.98 -1.40 10.63
N ILE D 209 -13.40 -2.59 10.68
CA ILE D 209 -13.68 -3.61 9.73
C ILE D 209 -14.55 -4.62 10.46
N ASP D 210 -15.68 -4.94 9.86
CA ASP D 210 -16.68 -5.82 10.49
C ASP D 210 -16.41 -7.29 10.38
N ARG D 211 -15.82 -7.67 9.25
CA ARG D 211 -15.46 -9.02 8.95
C ARG D 211 -14.19 -9.09 8.14
N VAL D 212 -13.44 -10.14 8.38
CA VAL D 212 -12.22 -10.38 7.64
C VAL D 212 -12.32 -11.75 7.02
N TYR D 213 -12.16 -11.78 5.70
CA TYR D 213 -12.19 -13.02 4.93
C TYR D 213 -10.81 -13.37 4.52
N VAL D 214 -10.46 -14.65 4.65
CA VAL D 214 -9.12 -15.08 4.37
C VAL D 214 -9.18 -16.23 3.36
N ILE D 215 -8.14 -16.36 2.56
CA ILE D 215 -8.04 -17.48 1.66
C ILE D 215 -8.23 -18.76 2.49
N ASP D 216 -8.99 -19.68 1.95
CA ASP D 216 -9.48 -20.77 2.76
C ASP D 216 -8.36 -21.49 3.44
N GLY D 217 -7.25 -21.68 2.72
CA GLY D 217 -6.12 -22.43 3.26
C GLY D 217 -5.43 -21.83 4.47
N ARG D 218 -5.72 -20.57 4.76
CA ARG D 218 -5.14 -19.90 5.90
C ARG D 218 -6.06 -19.92 7.10
N TYR D 219 -7.34 -20.22 6.87
CA TYR D 219 -8.35 -20.05 7.90
C TYR D 219 -8.04 -20.89 9.17
N ASP D 220 -7.80 -22.17 8.98
CA ASP D 220 -7.64 -23.06 10.14
C ASP D 220 -6.47 -22.62 11.01
N SER D 221 -5.31 -22.40 10.38
CA SER D 221 -4.12 -22.02 11.11
C SER D 221 -4.29 -20.67 11.80
N LEU D 222 -5.00 -19.74 11.15
CA LEU D 222 -5.23 -18.43 11.73
C LEU D 222 -6.09 -18.53 12.98
N ILE D 223 -7.17 -19.28 12.88
CA ILE D 223 -8.05 -19.54 14.01
C ILE D 223 -7.31 -20.26 15.13
N GLU D 224 -6.46 -21.21 14.79
CA GLU D 224 -5.64 -21.85 15.83
C GLU D 224 -4.72 -20.86 16.54
N GLU D 225 -4.19 -19.89 15.81
CA GLU D 225 -3.36 -18.88 16.47
C GLU D 225 -4.16 -18.03 17.42
N ILE D 226 -5.39 -17.71 17.03
CA ILE D 226 -6.28 -16.89 17.82
C ILE D 226 -6.61 -17.66 19.09
N LYS D 227 -6.91 -18.94 18.95
CA LYS D 227 -7.28 -19.78 20.09
C LYS D 227 -6.16 -19.93 21.13
N ARG D 228 -4.91 -19.75 20.71
CA ARG D 228 -3.76 -19.80 21.61
C ARG D 228 -3.66 -18.60 22.53
N ILE D 229 -4.30 -17.49 22.16
CA ILE D 229 -4.34 -16.30 23.00
C ILE D 229 -5.32 -16.45 24.17
N SER D 230 -4.91 -16.00 25.34
CA SER D 230 -5.76 -15.98 26.55
C SER D 230 -5.56 -14.66 27.31
N ASP D 231 -6.61 -13.87 27.38
CA ASP D 231 -6.53 -12.58 28.04
C ASP D 231 -7.96 -12.09 28.27
N PRO D 232 -8.26 -11.64 29.48
CA PRO D 232 -9.60 -11.08 29.75
C PRO D 232 -10.06 -9.99 28.77
N ASN D 233 -9.13 -9.25 28.17
CA ASN D 233 -9.46 -8.22 27.19
C ASN D 233 -9.51 -8.74 25.77
N PHE D 234 -9.19 -10.03 25.61
CA PHE D 234 -9.23 -10.65 24.29
C PHE D 234 -10.54 -11.43 24.15
N ASN D 235 -11.44 -10.84 23.38
CA ASN D 235 -12.73 -11.45 23.14
C ASN D 235 -12.54 -12.43 22.00
N GLU D 236 -12.01 -13.60 22.31
CA GLU D 236 -11.70 -14.60 21.29
C GLU D 236 -12.87 -14.87 20.35
N ASP D 237 -14.06 -15.05 20.90
CA ASP D 237 -15.21 -15.43 20.09
C ASP D 237 -15.57 -14.37 19.07
N LYS D 238 -15.29 -13.12 19.40
CA LYS D 238 -15.57 -12.01 18.49
C LYS D 238 -14.76 -12.22 17.23
N TYR D 239 -13.48 -12.51 17.40
CA TYR D 239 -12.58 -12.61 16.26
C TYR D 239 -12.86 -13.86 15.50
N ILE D 240 -13.05 -14.96 16.23
CA ILE D 240 -13.37 -16.20 15.57
C ILE D 240 -14.63 -16.02 14.70
N GLN D 241 -15.67 -15.38 15.22
CA GLN D 241 -16.90 -15.19 14.44
C GLN D 241 -16.73 -14.28 13.22
N LYS D 242 -15.85 -13.29 13.36
CA LYS D 242 -15.76 -12.24 12.36
C LYS D 242 -14.71 -12.57 11.31
N ILE D 243 -13.89 -13.57 11.57
CA ILE D 243 -12.92 -14.08 10.58
C ILE D 243 -13.55 -15.27 9.88
N ARG D 244 -13.57 -15.22 8.56
CA ARG D 244 -14.34 -16.13 7.76
C ARG D 244 -13.49 -16.62 6.59
N ARG D 245 -13.79 -17.82 6.11
CA ARG D 245 -13.19 -18.29 4.87
C ARG D 245 -13.72 -17.51 3.70
N PHE D 246 -12.82 -17.23 2.75
CA PHE D 246 -13.19 -16.58 1.52
C PHE D 246 -14.44 -17.22 0.92
N SER D 247 -14.45 -18.53 0.94
CA SER D 247 -15.57 -19.26 0.31
C SER D 247 -16.92 -18.89 0.87
N ASP D 248 -16.95 -18.50 2.14
CA ASP D 248 -18.18 -18.19 2.81
C ASP D 248 -18.76 -16.81 2.50
N ILE D 249 -17.98 -15.95 1.87
CA ILE D 249 -18.46 -14.59 1.69
C ILE D 249 -19.76 -14.48 0.88
N PHE D 250 -19.94 -15.32 -0.11
CA PHE D 250 -21.03 -15.15 -1.06
C PHE D 250 -22.35 -15.47 -0.40
N ASP D 251 -22.39 -16.59 0.28
CA ASP D 251 -23.56 -16.89 1.06
C ASP D 251 -23.74 -15.91 2.24
N ASP D 252 -22.62 -15.44 2.80
CA ASP D 252 -22.69 -14.44 3.86
C ASP D 252 -23.35 -13.18 3.37
N ILE D 253 -23.03 -12.77 2.14
CA ILE D 253 -23.64 -11.59 1.55
C ILE D 253 -25.14 -11.82 1.38
N ILE D 254 -25.50 -12.96 0.83
CA ILE D 254 -26.90 -13.29 0.63
C ILE D 254 -27.63 -13.25 1.97
N GLN D 255 -27.06 -13.91 2.98
N GLN D 255 -27.06 -13.89 2.99
CA GLN D 255 -27.62 -13.93 4.35
CA GLN D 255 -27.69 -13.94 4.31
C GLN D 255 -27.83 -12.50 4.84
C GLN D 255 -27.80 -12.52 4.90
N PHE D 256 -26.80 -11.68 4.67
CA PHE D 256 -26.87 -10.29 5.10
C PHE D 256 -28.02 -9.55 4.43
N LEU D 257 -28.11 -9.68 3.12
CA LEU D 257 -29.13 -8.97 2.35
C LEU D 257 -30.52 -9.44 2.75
N ASN D 258 -30.65 -10.73 3.01
CA ASN D 258 -31.92 -11.29 3.48
C ASN D 258 -32.32 -10.74 4.86
N LYS D 259 -31.33 -10.45 5.70
CA LYS D 259 -31.56 -9.83 7.02
C LYS D 259 -31.76 -8.31 6.95
N HIS D 260 -31.25 -7.67 5.91
CA HIS D 260 -31.20 -6.20 5.85
C HIS D 260 -31.78 -5.66 4.54
#